data_3C8Y
#
_entry.id   3C8Y
#
_cell.length_a   110.750
_cell.length_b   110.750
_cell.length_c   103.540
_cell.angle_alpha   90.000
_cell.angle_beta   90.000
_cell.angle_gamma   90.000
#
_symmetry.space_group_name_H-M   'P 42 21 2'
#
loop_
_entity.id
_entity.type
_entity.pdbx_description
1 polymer 'Iron hydrogenase 1'
2 non-polymer '2 IRON/2 SULFUR/3 CARBONYL/2 CYANIDE/WATER/METHYLETHER CLUSTER'
3 non-polymer 'IRON/SULFUR CLUSTER'
4 non-polymer 'FE2/S2 (INORGANIC) CLUSTER'
5 non-polymer GLYCEROL
6 water water
#
_entity_poly.entity_id   1
_entity_poly.type   'polypeptide(L)'
_entity_poly.pdbx_seq_one_letter_code
;MKTIIINGVQFNTDEDTTILKFARDNNIDISALCFLNNCNNDINKCEICTVEVEGTGLVTACDTLIEDGMIINTNSDAVN
EKIKSRISQLLDIHEFKCGPCNRRENCEFLKLVIKYKARASKPFLPKDKTEYVDERSKSLTVDRTKCLLCGRCVNACGKN
TETYAMKFLNKNGKTIIGAEDEKCFDDTNCLLCGQCIIACPVAALSEKSHMDRVKNALNAPEKHVIVAMAPSVRASIGEL
FNMGFGVDVTGKIYTALRQLGFDKIFDINFGADMTIMEEATELVQRIENNGPFPMFTSCCPGWVRQAENYYPELLNNLSS
AKSPQQIFGTASKTYYPSISGLDPKNVFTVTVMPCTSKKFEADRPQMEKDGLRDIDAVITTRELAKMIKDAKIPFAKLED
SEADPAMGEYSGAGAIFGATGGVMEAALRSAKDFAENAELEDIEYKQVRGLNGIKEAEVEINNNKYNVAVINGASNLFKF
MKSGMINEKQYHFIEVMACHGGCVNGGGQPHVNPKDLEKVDIKKVRASVLYNQDEHLSKRKSHENTALVKMYQNYFGKPG
EGRAHEILHFKYKK
;
_entity_poly.pdbx_strand_id   A
#
# COMPACT_ATOMS: atom_id res chain seq x y z
N MET A 1 24.84 -28.82 19.63
CA MET A 1 25.27 -28.75 18.25
C MET A 1 24.71 -29.83 17.34
N LYS A 2 23.61 -29.55 16.62
CA LYS A 2 23.23 -30.39 15.49
C LYS A 2 24.37 -30.35 14.46
N THR A 3 24.64 -31.55 13.97
CA THR A 3 25.61 -31.60 12.89
C THR A 3 24.82 -31.95 11.65
N ILE A 4 24.88 -31.04 10.66
CA ILE A 4 24.21 -31.38 9.42
C ILE A 4 25.18 -31.13 8.28
N ILE A 5 24.98 -31.87 7.21
CA ILE A 5 25.78 -31.87 5.99
C ILE A 5 24.88 -31.36 4.86
N ILE A 6 25.29 -30.32 4.16
CA ILE A 6 24.48 -29.88 3.02
C ILE A 6 25.46 -29.74 1.86
N ASN A 7 25.14 -30.49 0.83
CA ASN A 7 26.01 -30.51 -0.35
C ASN A 7 27.47 -30.74 0.04
N GLY A 8 27.65 -31.62 1.01
CA GLY A 8 28.96 -32.12 1.45
C GLY A 8 29.75 -31.14 2.30
N VAL A 9 29.07 -30.10 2.74
CA VAL A 9 29.64 -29.18 3.70
C VAL A 9 28.90 -29.37 5.04
N GLN A 10 29.75 -29.48 6.06
CA GLN A 10 29.33 -29.78 7.40
C GLN A 10 28.98 -28.50 8.13
N PHE A 11 27.82 -28.53 8.74
CA PHE A 11 27.33 -27.46 9.58
C PHE A 11 27.04 -27.98 10.99
N ASN A 12 27.47 -27.17 11.94
CA ASN A 12 27.14 -27.32 13.34
C ASN A 12 26.27 -26.19 13.85
N THR A 13 25.10 -26.59 14.38
CA THR A 13 24.13 -25.58 14.75
C THR A 13 23.22 -26.04 15.89
N ASP A 14 22.92 -25.05 16.73
CA ASP A 14 21.91 -25.26 17.76
C ASP A 14 20.54 -24.88 17.20
N GLU A 15 20.49 -24.34 15.98
CA GLU A 15 19.18 -23.78 15.60
C GLU A 15 18.09 -24.83 15.43
N ASP A 16 16.82 -24.47 15.73
CA ASP A 16 15.68 -25.29 15.41
C ASP A 16 14.96 -24.61 14.25
N THR A 17 15.10 -25.03 13.02
CA THR A 17 14.56 -24.20 11.94
C THR A 17 14.35 -25.07 10.72
N THR A 18 13.73 -24.48 9.72
CA THR A 18 13.57 -25.28 8.50
C THR A 18 14.84 -25.36 7.65
N ILE A 19 14.85 -26.34 6.75
CA ILE A 19 15.99 -26.50 5.83
C ILE A 19 16.10 -25.24 4.96
N LEU A 20 14.94 -24.75 4.50
CA LEU A 20 14.97 -23.55 3.68
C LEU A 20 15.59 -22.35 4.40
N LYS A 21 15.13 -22.13 5.64
CA LYS A 21 15.63 -20.95 6.34
C LYS A 21 17.10 -21.07 6.68
N PHE A 22 17.53 -22.26 7.06
CA PHE A 22 18.95 -22.41 7.39
C PHE A 22 19.78 -22.21 6.13
N ALA A 23 19.27 -22.80 5.03
CA ALA A 23 19.95 -22.65 3.75
C ALA A 23 20.01 -21.16 3.43
N ARG A 24 18.89 -20.45 3.56
CA ARG A 24 19.00 -19.02 3.22
C ARG A 24 19.98 -18.32 4.15
N ASP A 25 20.01 -18.66 5.42
CA ASP A 25 20.92 -18.16 6.44
C ASP A 25 22.38 -18.42 6.12
N ASN A 26 22.69 -19.43 5.34
CA ASN A 26 24.04 -19.89 5.10
C ASN A 26 24.46 -19.87 3.63
N ASN A 27 23.81 -19.00 2.85
CA ASN A 27 24.15 -18.74 1.46
C ASN A 27 24.15 -20.00 0.59
N ILE A 28 23.14 -20.82 0.86
CA ILE A 28 22.90 -22.03 0.10
C ILE A 28 21.61 -21.84 -0.69
N ASP A 29 21.74 -22.05 -1.98
CA ASP A 29 20.64 -21.86 -2.91
C ASP A 29 19.57 -22.95 -2.85
N ILE A 30 18.39 -22.54 -2.40
CA ILE A 30 17.19 -23.32 -2.49
C ILE A 30 16.08 -22.42 -3.05
N SER A 31 15.38 -22.89 -4.09
CA SER A 31 14.28 -22.11 -4.67
C SER A 31 13.03 -22.25 -3.85
N ALA A 32 12.10 -21.31 -3.95
CA ALA A 32 10.80 -21.47 -3.28
C ALA A 32 9.78 -20.70 -4.10
N LEU A 33 8.52 -21.06 -4.02
CA LEU A 33 7.50 -20.29 -4.70
C LEU A 33 6.33 -20.06 -3.76
N CYS A 34 5.62 -21.09 -3.35
CA CYS A 34 4.37 -20.82 -2.61
C CYS A 34 4.58 -20.40 -1.15
N PHE A 35 5.80 -20.56 -0.64
CA PHE A 35 6.07 -20.16 0.74
C PHE A 35 6.25 -18.66 0.90
N LEU A 36 5.32 -18.05 1.62
CA LEU A 36 5.39 -16.62 1.86
C LEU A 36 4.63 -16.30 3.16
N ASN A 37 5.03 -15.26 3.87
CA ASN A 37 4.32 -14.91 5.10
C ASN A 37 4.31 -16.11 6.04
N ASN A 38 5.35 -16.85 6.01
CA ASN A 38 5.52 -17.88 6.99
C ASN A 38 4.49 -18.97 6.93
N CYS A 39 4.11 -19.20 5.66
CA CYS A 39 3.36 -20.44 5.34
C CYS A 39 3.82 -20.99 3.97
N ASN A 40 3.23 -22.05 3.54
CA ASN A 40 3.18 -22.64 2.20
C ASN A 40 1.76 -22.81 1.75
N ASN A 41 1.51 -23.39 0.59
CA ASN A 41 0.18 -23.59 0.10
C ASN A 41 -0.25 -25.04 0.42
N ASP A 42 -0.29 -25.12 1.76
CA ASP A 42 -0.85 -26.22 2.55
C ASP A 42 -1.70 -27.28 1.91
N ILE A 43 -2.64 -26.94 1.07
CA ILE A 43 -3.19 -27.97 0.15
C ILE A 43 -2.58 -27.61 -1.23
N ASN A 44 -2.00 -28.51 -1.99
CA ASN A 44 -1.42 -28.15 -3.28
C ASN A 44 -0.18 -27.32 -3.17
N LYS A 45 0.72 -27.86 -2.31
CA LYS A 45 2.10 -27.35 -2.14
C LYS A 45 2.89 -27.49 -3.46
N CYS A 46 3.65 -26.42 -3.76
CA CYS A 46 4.32 -26.26 -5.02
C CYS A 46 5.43 -27.23 -5.28
N GLU A 47 6.12 -27.52 -4.19
CA GLU A 47 7.28 -28.41 -4.16
C GLU A 47 8.51 -27.86 -4.89
N ILE A 48 8.56 -26.55 -5.15
CA ILE A 48 9.69 -25.93 -5.83
C ILE A 48 10.90 -25.92 -4.89
N CYS A 49 10.70 -26.02 -3.59
CA CYS A 49 11.74 -26.08 -2.58
C CYS A 49 12.18 -27.50 -2.25
N THR A 50 11.90 -28.42 -3.16
CA THR A 50 12.32 -29.80 -2.97
C THR A 50 13.83 -29.90 -2.77
N VAL A 51 14.22 -30.71 -1.78
CA VAL A 51 15.57 -31.15 -1.56
C VAL A 51 15.59 -32.64 -1.23
N GLU A 52 16.79 -33.22 -1.24
CA GLU A 52 16.87 -34.63 -0.88
C GLU A 52 17.50 -34.74 0.50
N VAL A 53 16.85 -35.50 1.37
CA VAL A 53 17.40 -35.88 2.67
C VAL A 53 17.80 -37.35 2.59
N GLU A 54 19.10 -37.64 2.76
CA GLU A 54 19.50 -39.06 2.63
C GLU A 54 18.82 -39.86 3.74
N GLY A 55 18.31 -41.03 3.37
CA GLY A 55 17.63 -41.89 4.33
C GLY A 55 16.16 -41.53 4.44
N THR A 56 15.74 -40.52 3.69
CA THR A 56 14.34 -40.09 3.74
C THR A 56 13.76 -39.91 2.33
N GLY A 57 14.47 -39.17 1.47
CA GLY A 57 14.01 -38.97 0.11
C GLY A 57 13.76 -37.50 -0.15
N LEU A 58 12.95 -37.20 -1.18
CA LEU A 58 12.64 -35.80 -1.47
C LEU A 58 11.66 -35.21 -0.47
N VAL A 59 12.01 -34.03 0.01
CA VAL A 59 11.19 -33.28 0.99
C VAL A 59 11.07 -31.82 0.59
N THR A 60 10.03 -31.16 1.08
CA THR A 60 9.92 -29.73 0.86
C THR A 60 10.70 -28.98 1.94
N ALA A 61 11.73 -28.25 1.53
CA ALA A 61 12.62 -27.55 2.45
C ALA A 61 11.89 -26.47 3.23
N CYS A 62 10.80 -25.91 2.68
CA CYS A 62 10.17 -24.78 3.36
C CYS A 62 9.44 -25.13 4.66
N ASP A 63 9.18 -26.44 4.85
CA ASP A 63 8.45 -26.81 6.06
C ASP A 63 8.96 -28.09 6.69
N THR A 64 10.21 -28.41 6.37
CA THR A 64 10.92 -29.55 6.93
C THR A 64 12.00 -29.05 7.88
N LEU A 65 11.92 -29.44 9.15
CA LEU A 65 12.90 -28.99 10.14
C LEU A 65 14.24 -29.71 10.05
N ILE A 66 15.32 -28.94 10.28
CA ILE A 66 16.60 -29.62 10.28
C ILE A 66 16.68 -30.53 11.49
N GLU A 67 17.46 -31.58 11.33
CA GLU A 67 17.69 -32.49 12.43
C GLU A 67 19.09 -33.09 12.41
N ASP A 68 19.59 -33.37 13.61
CA ASP A 68 20.88 -33.96 13.83
C ASP A 68 21.10 -35.14 12.91
N GLY A 69 22.22 -35.21 12.19
CA GLY A 69 22.42 -36.44 11.40
C GLY A 69 21.97 -36.27 9.97
N MET A 70 21.26 -35.16 9.72
CA MET A 70 20.75 -34.93 8.38
C MET A 70 21.85 -34.78 7.33
N ILE A 71 21.70 -35.44 6.21
CA ILE A 71 22.52 -35.21 5.02
C ILE A 71 21.58 -34.83 3.87
N ILE A 72 21.73 -33.59 3.44
CA ILE A 72 20.84 -32.96 2.48
C ILE A 72 21.61 -32.60 1.21
N ASN A 73 20.97 -32.90 0.10
CA ASN A 73 21.46 -32.48 -1.22
C ASN A 73 20.39 -31.64 -1.90
N THR A 74 20.76 -30.41 -2.27
CA THR A 74 19.78 -29.48 -2.82
C THR A 74 19.80 -29.41 -4.33
N ASN A 75 20.72 -30.17 -4.92
CA ASN A 75 20.99 -29.96 -6.35
C ASN A 75 21.27 -31.26 -7.10
N SER A 76 20.70 -32.34 -6.59
CA SER A 76 20.88 -33.61 -7.27
C SER A 76 20.00 -33.67 -8.52
N ASP A 77 20.33 -34.65 -9.37
CA ASP A 77 19.52 -34.75 -10.58
C ASP A 77 18.05 -35.03 -10.27
N ALA A 78 17.82 -35.90 -9.30
CA ALA A 78 16.46 -36.26 -8.90
C ALA A 78 15.76 -35.03 -8.36
N VAL A 79 16.45 -34.21 -7.59
CA VAL A 79 15.82 -32.96 -7.09
C VAL A 79 15.45 -32.06 -8.24
N ASN A 80 16.48 -31.83 -9.07
CA ASN A 80 16.26 -30.87 -10.15
C ASN A 80 15.19 -31.28 -11.14
N GLU A 81 15.11 -32.58 -11.41
CA GLU A 81 14.08 -33.03 -12.33
C GLU A 81 12.73 -32.91 -11.64
N LYS A 82 12.61 -33.13 -10.32
CA LYS A 82 11.29 -32.93 -9.73
C LYS A 82 10.83 -31.49 -9.87
N ILE A 83 11.74 -30.58 -9.52
CA ILE A 83 11.38 -29.15 -9.56
C ILE A 83 11.04 -28.72 -10.98
N LYS A 84 11.85 -29.15 -11.95
CA LYS A 84 11.63 -28.80 -13.34
C LYS A 84 10.27 -29.32 -13.77
N SER A 85 9.93 -30.50 -13.28
CA SER A 85 8.63 -31.09 -13.57
C SER A 85 7.47 -30.25 -13.04
N ARG A 86 7.61 -29.80 -11.82
CA ARG A 86 6.56 -28.97 -11.24
C ARG A 86 6.41 -27.66 -12.02
N ILE A 87 7.51 -27.06 -12.42
CA ILE A 87 7.48 -25.81 -13.18
C ILE A 87 6.87 -26.06 -14.55
N SER A 88 7.21 -27.16 -15.18
CA SER A 88 6.62 -27.53 -16.46
C SER A 88 5.10 -27.62 -16.35
N GLN A 89 4.64 -28.24 -15.27
CA GLN A 89 3.21 -28.40 -15.04
C GLN A 89 2.52 -27.05 -14.86
N LEU A 90 3.22 -26.10 -14.22
CA LEU A 90 2.68 -24.75 -14.10
C LEU A 90 2.68 -24.08 -15.47
N LEU A 91 3.68 -24.36 -16.29
CA LEU A 91 3.70 -23.72 -17.63
C LEU A 91 2.48 -24.19 -18.44
N ASP A 92 2.03 -25.42 -18.21
CA ASP A 92 0.88 -25.96 -18.92
C ASP A 92 -0.41 -25.21 -18.60
N ILE A 93 -0.42 -24.38 -17.54
CA ILE A 93 -1.61 -23.60 -17.19
C ILE A 93 -1.29 -22.11 -17.23
N HIS A 94 -0.14 -21.75 -17.83
CA HIS A 94 0.33 -20.36 -17.80
C HIS A 94 0.56 -19.82 -19.21
N GLU A 95 -0.06 -18.66 -19.47
CA GLU A 95 0.10 -18.03 -20.75
C GLU A 95 1.44 -17.27 -20.71
N PHE A 96 2.46 -17.91 -21.24
CA PHE A 96 3.84 -17.49 -21.15
C PHE A 96 4.20 -16.55 -22.28
N LYS A 97 3.81 -15.31 -22.07
CA LYS A 97 3.99 -14.21 -23.03
C LYS A 97 4.44 -12.96 -22.30
N CYS A 98 5.72 -12.97 -21.93
CA CYS A 98 6.25 -11.94 -21.05
C CYS A 98 6.38 -10.54 -21.67
N GLY A 99 6.44 -10.42 -23.01
CA GLY A 99 6.66 -9.16 -23.70
C GLY A 99 5.80 -8.01 -23.21
N PRO A 100 4.48 -8.21 -23.32
CA PRO A 100 3.54 -7.17 -22.87
C PRO A 100 3.09 -7.32 -21.44
N CYS A 101 3.76 -8.19 -20.69
CA CYS A 101 3.24 -8.50 -19.36
C CYS A 101 3.65 -7.45 -18.35
N ASN A 102 2.74 -7.10 -17.42
CA ASN A 102 3.08 -6.07 -16.44
C ASN A 102 4.04 -6.53 -15.36
N ARG A 103 4.45 -7.79 -15.31
CA ARG A 103 5.47 -8.22 -14.37
C ARG A 103 6.78 -8.69 -15.03
N ARG A 104 6.89 -8.43 -16.32
CA ARG A 104 8.06 -8.79 -17.10
C ARG A 104 9.40 -8.55 -16.43
N GLU A 105 9.55 -7.45 -15.70
CA GLU A 105 10.85 -7.07 -15.16
C GLU A 105 11.13 -7.59 -13.77
N ASN A 106 10.09 -8.20 -13.17
CA ASN A 106 10.26 -8.66 -11.78
C ASN A 106 9.36 -9.81 -11.38
N CYS A 107 9.26 -10.77 -12.28
CA CYS A 107 8.41 -11.93 -12.14
C CYS A 107 9.14 -13.10 -11.47
N GLU A 108 8.55 -13.65 -10.42
CA GLU A 108 9.18 -14.79 -9.74
C GLU A 108 9.11 -16.05 -10.59
N PHE A 109 8.06 -16.16 -11.39
CA PHE A 109 7.89 -17.41 -12.18
C PHE A 109 8.86 -17.45 -13.34
N LEU A 110 8.98 -16.33 -14.07
CA LEU A 110 9.94 -16.28 -15.16
C LEU A 110 11.33 -16.63 -14.65
N LYS A 111 11.70 -16.11 -13.48
CA LYS A 111 13.03 -16.45 -12.96
C LYS A 111 13.21 -17.96 -12.76
N LEU A 112 12.13 -18.61 -12.29
CA LEU A 112 12.19 -20.05 -12.09
C LEU A 112 12.22 -20.86 -13.38
N VAL A 113 11.44 -20.41 -14.37
CA VAL A 113 11.48 -21.06 -15.67
C VAL A 113 12.89 -20.99 -16.23
N ILE A 114 13.51 -19.84 -16.15
CA ILE A 114 14.89 -19.71 -16.66
C ILE A 114 15.88 -20.55 -15.90
N LYS A 115 15.76 -20.54 -14.57
CA LYS A 115 16.70 -21.22 -13.71
C LYS A 115 16.70 -22.71 -14.03
N TYR A 116 15.53 -23.32 -14.26
CA TYR A 116 15.39 -24.75 -14.43
C TYR A 116 15.21 -25.19 -15.88
N LYS A 117 15.23 -24.22 -16.76
CA LYS A 117 15.05 -24.40 -18.20
C LYS A 117 13.82 -25.26 -18.43
N ALA A 118 12.77 -24.91 -17.72
CA ALA A 118 11.50 -25.61 -17.77
C ALA A 118 10.76 -25.33 -19.09
N ARG A 119 9.99 -26.31 -19.49
CA ARG A 119 9.26 -26.30 -20.74
C ARG A 119 7.88 -26.91 -20.62
N ALA A 120 6.85 -26.25 -21.12
CA ALA A 120 5.54 -26.87 -21.05
C ALA A 120 5.49 -28.17 -21.83
N SER A 121 4.69 -29.12 -21.34
CA SER A 121 4.37 -30.27 -22.18
C SER A 121 3.44 -29.87 -23.33
N LYS A 122 2.65 -28.83 -23.15
CA LYS A 122 1.75 -28.22 -24.11
C LYS A 122 1.59 -26.75 -23.79
N PRO A 123 2.11 -25.89 -24.64
CA PRO A 123 1.95 -24.46 -24.39
C PRO A 123 0.49 -24.08 -24.19
N PHE A 124 0.30 -23.23 -23.17
CA PHE A 124 -1.05 -22.75 -22.88
C PHE A 124 -1.29 -21.46 -23.63
N LEU A 125 -2.14 -21.51 -24.62
CA LEU A 125 -2.39 -20.44 -25.57
C LEU A 125 -3.88 -20.15 -25.66
N PRO A 126 -4.48 -19.68 -24.55
CA PRO A 126 -5.93 -19.43 -24.58
C PRO A 126 -6.19 -18.36 -25.64
N LYS A 127 -7.25 -18.55 -26.44
CA LYS A 127 -7.43 -17.48 -27.43
C LYS A 127 -8.63 -16.60 -27.09
N ASP A 128 -9.31 -16.85 -25.98
CA ASP A 128 -10.30 -15.89 -25.45
C ASP A 128 -9.96 -15.59 -23.98
N LYS A 129 -9.30 -14.46 -23.72
CA LYS A 129 -8.91 -14.05 -22.38
C LYS A 129 -10.13 -13.65 -21.56
N THR A 130 -11.21 -13.20 -22.21
CA THR A 130 -12.32 -12.58 -21.47
C THR A 130 -12.82 -13.54 -20.39
N GLU A 131 -12.75 -14.82 -20.68
CA GLU A 131 -13.17 -15.85 -19.74
C GLU A 131 -12.21 -15.93 -18.54
N TYR A 132 -11.01 -15.39 -18.63
CA TYR A 132 -10.05 -15.56 -17.54
C TYR A 132 -9.81 -14.28 -16.78
N VAL A 133 -10.41 -13.20 -17.26
CA VAL A 133 -10.11 -11.87 -16.73
C VAL A 133 -11.33 -11.27 -16.07
N ASP A 134 -11.11 -10.67 -14.90
CA ASP A 134 -12.12 -9.95 -14.13
C ASP A 134 -11.62 -8.54 -13.86
N GLU A 135 -12.18 -7.57 -14.59
CA GLU A 135 -11.86 -6.16 -14.49
C GLU A 135 -13.03 -5.35 -13.97
N ARG A 136 -13.96 -6.03 -13.30
CA ARG A 136 -15.17 -5.35 -12.80
C ARG A 136 -14.93 -4.36 -11.67
N SER A 137 -13.93 -4.65 -10.84
CA SER A 137 -13.64 -3.85 -9.67
C SER A 137 -13.09 -2.48 -10.05
N LYS A 138 -13.40 -1.50 -9.21
CA LYS A 138 -12.76 -0.19 -9.35
C LYS A 138 -11.29 -0.19 -8.94
N SER A 139 -10.81 -1.26 -8.29
CA SER A 139 -9.50 -1.26 -7.67
C SER A 139 -8.60 -2.43 -8.07
N LEU A 140 -9.12 -3.62 -8.18
CA LEU A 140 -8.37 -4.83 -8.45
C LEU A 140 -8.77 -5.46 -9.78
N THR A 141 -7.79 -6.16 -10.35
CA THR A 141 -8.09 -7.01 -11.47
C THR A 141 -7.42 -8.38 -11.35
N VAL A 142 -8.06 -9.36 -11.97
CA VAL A 142 -7.57 -10.73 -11.99
C VAL A 142 -7.37 -11.18 -13.42
N ASP A 143 -6.20 -11.77 -13.70
CA ASP A 143 -6.00 -12.43 -14.98
C ASP A 143 -5.59 -13.86 -14.70
N ARG A 144 -6.57 -14.76 -14.82
CA ARG A 144 -6.29 -16.14 -14.42
C ARG A 144 -5.45 -16.91 -15.42
N THR A 145 -5.12 -16.33 -16.59
CA THR A 145 -4.19 -17.01 -17.45
C THR A 145 -2.79 -16.98 -16.88
N LYS A 146 -2.57 -16.23 -15.84
CA LYS A 146 -1.27 -16.18 -15.21
C LYS A 146 -1.22 -16.88 -13.85
N CYS A 147 -2.37 -17.30 -13.32
CA CYS A 147 -2.43 -17.75 -11.92
C CYS A 147 -1.85 -19.12 -11.74
N LEU A 148 -0.92 -19.25 -10.80
CA LEU A 148 -0.24 -20.49 -10.46
C LEU A 148 -0.97 -21.32 -9.40
N LEU A 149 -2.03 -20.76 -8.84
CA LEU A 149 -2.79 -21.39 -7.80
C LEU A 149 -1.90 -21.76 -6.61
N CYS A 150 -1.01 -20.81 -6.30
CA CYS A 150 -0.08 -20.91 -5.22
C CYS A 150 -0.61 -20.52 -3.83
N GLY A 151 -1.77 -19.91 -3.82
CA GLY A 151 -2.42 -19.51 -2.59
C GLY A 151 -1.76 -18.40 -1.83
N ARG A 152 -0.76 -17.74 -2.37
CA ARG A 152 -0.15 -16.67 -1.58
C ARG A 152 -1.11 -15.52 -1.30
N CYS A 153 -1.99 -15.21 -2.23
CA CYS A 153 -2.97 -14.15 -2.08
C CYS A 153 -3.98 -14.54 -1.01
N VAL A 154 -4.45 -15.77 -1.07
CA VAL A 154 -5.43 -16.21 -0.04
C VAL A 154 -4.84 -16.13 1.36
N ASN A 155 -3.62 -16.59 1.49
CA ASN A 155 -2.99 -16.48 2.84
C ASN A 155 -2.70 -15.07 3.23
N ALA A 156 -2.28 -14.25 2.26
CA ALA A 156 -1.96 -12.87 2.63
C ALA A 156 -3.19 -12.09 3.09
N CYS A 157 -4.31 -12.36 2.43
CA CYS A 157 -5.56 -11.73 2.79
C CYS A 157 -5.93 -12.12 4.21
N GLY A 158 -5.90 -13.43 4.47
CA GLY A 158 -6.25 -13.87 5.79
C GLY A 158 -5.36 -13.30 6.85
N LYS A 159 -4.06 -13.33 6.61
CA LYS A 159 -3.15 -12.82 7.64
C LYS A 159 -3.20 -11.33 7.83
N ASN A 160 -3.26 -10.57 6.76
CA ASN A 160 -3.20 -9.12 6.85
C ASN A 160 -4.51 -8.46 7.19
N THR A 161 -5.61 -9.03 6.74
CA THR A 161 -6.89 -8.43 6.98
C THR A 161 -7.82 -9.27 7.85
N GLU A 162 -7.68 -10.57 7.91
CA GLU A 162 -8.59 -11.50 8.55
C GLU A 162 -9.99 -11.44 7.95
N THR A 163 -10.18 -10.83 6.77
CA THR A 163 -11.48 -10.86 6.13
C THR A 163 -11.70 -12.16 5.35
N TYR A 164 -10.63 -12.79 4.92
CA TYR A 164 -10.72 -13.91 3.98
C TYR A 164 -11.58 -13.55 2.78
N ALA A 165 -11.52 -12.29 2.34
CA ALA A 165 -12.22 -11.93 1.13
C ALA A 165 -11.68 -12.59 -0.16
N MET A 166 -10.42 -12.98 -0.14
CA MET A 166 -9.84 -13.75 -1.24
C MET A 166 -10.00 -15.23 -0.96
N LYS A 167 -10.64 -15.95 -1.86
CA LYS A 167 -10.90 -17.35 -1.62
C LYS A 167 -10.48 -18.27 -2.76
N PHE A 168 -10.28 -19.54 -2.41
CA PHE A 168 -10.32 -20.59 -3.39
C PHE A 168 -11.81 -20.89 -3.68
N LEU A 169 -12.10 -21.01 -4.98
CA LEU A 169 -13.45 -21.28 -5.44
C LEU A 169 -13.40 -22.47 -6.36
N ASN A 170 -14.50 -23.21 -6.33
CA ASN A 170 -14.66 -24.22 -7.34
C ASN A 170 -15.57 -23.64 -8.42
N LYS A 171 -15.01 -23.49 -9.60
CA LYS A 171 -15.71 -22.96 -10.75
C LYS A 171 -15.67 -23.98 -11.89
N ASN A 172 -16.85 -24.62 -12.04
CA ASN A 172 -17.00 -25.55 -13.17
C ASN A 172 -16.10 -26.77 -12.94
N GLY A 173 -15.89 -27.18 -11.67
CA GLY A 173 -15.11 -28.40 -11.46
C GLY A 173 -13.62 -28.11 -11.33
N LYS A 174 -13.22 -26.85 -11.53
CA LYS A 174 -11.85 -26.36 -11.55
C LYS A 174 -11.66 -25.32 -10.46
N THR A 175 -10.45 -25.32 -9.93
CA THR A 175 -10.08 -24.37 -8.88
C THR A 175 -9.62 -23.06 -9.49
N ILE A 176 -10.17 -21.99 -8.93
CA ILE A 176 -9.69 -20.62 -9.20
C ILE A 176 -9.55 -19.85 -7.89
N ILE A 177 -8.91 -18.67 -7.97
CA ILE A 177 -9.11 -17.77 -6.84
C ILE A 177 -10.07 -16.66 -7.24
N GLY A 178 -10.68 -16.04 -6.23
CA GLY A 178 -11.57 -14.93 -6.48
C GLY A 178 -12.28 -14.50 -5.22
N ALA A 179 -13.23 -13.60 -5.38
CA ALA A 179 -14.07 -13.10 -4.28
C ALA A 179 -15.18 -14.08 -3.93
N GLU A 180 -15.85 -13.89 -2.80
CA GLU A 180 -16.94 -14.76 -2.40
C GLU A 180 -17.97 -14.88 -3.52
N ASP A 181 -18.33 -16.12 -3.81
CA ASP A 181 -19.30 -16.42 -4.83
C ASP A 181 -18.91 -15.90 -6.23
N GLU A 182 -17.61 -15.65 -6.47
CA GLU A 182 -17.07 -15.11 -7.71
C GLU A 182 -17.73 -13.78 -8.08
N LYS A 183 -18.17 -13.04 -7.05
CA LYS A 183 -18.70 -11.70 -7.25
C LYS A 183 -17.59 -10.72 -7.58
N CYS A 184 -17.97 -9.51 -8.00
CA CYS A 184 -16.97 -8.46 -8.05
C CYS A 184 -16.47 -8.20 -6.63
N PHE A 185 -15.18 -8.02 -6.44
CA PHE A 185 -14.62 -7.80 -5.09
C PHE A 185 -15.32 -6.67 -4.37
N ASP A 186 -15.64 -5.60 -5.11
CA ASP A 186 -16.24 -4.44 -4.50
C ASP A 186 -17.58 -4.70 -3.82
N ASP A 187 -18.25 -5.76 -4.31
CA ASP A 187 -19.57 -6.09 -3.81
C ASP A 187 -19.51 -7.12 -2.68
N THR A 188 -18.31 -7.38 -2.20
CA THR A 188 -18.10 -8.21 -1.04
C THR A 188 -17.48 -7.46 0.11
N ASN A 189 -17.08 -8.15 1.18
CA ASN A 189 -16.48 -7.48 2.30
C ASN A 189 -15.04 -7.06 2.14
N CYS A 190 -14.44 -7.41 1.03
CA CYS A 190 -13.13 -6.96 0.62
C CYS A 190 -12.90 -5.46 0.89
N LEU A 191 -11.72 -5.12 1.34
CA LEU A 191 -11.29 -3.79 1.66
C LEU A 191 -10.64 -3.06 0.47
N LEU A 192 -10.39 -3.81 -0.58
CA LEU A 192 -9.69 -3.33 -1.78
C LEU A 192 -8.30 -2.82 -1.49
N CYS A 193 -7.65 -3.30 -0.45
CA CYS A 193 -6.34 -2.92 0.06
C CYS A 193 -5.20 -3.42 -0.80
N GLY A 194 -5.41 -4.41 -1.67
CA GLY A 194 -4.39 -4.90 -2.56
C GLY A 194 -3.29 -5.71 -1.94
N GLN A 195 -3.43 -6.17 -0.70
CA GLN A 195 -2.32 -6.98 -0.12
C GLN A 195 -2.17 -8.31 -0.87
N CYS A 196 -3.28 -8.77 -1.44
CA CYS A 196 -3.29 -9.94 -2.28
C CYS A 196 -2.38 -9.70 -3.48
N ILE A 197 -2.46 -8.53 -4.11
CA ILE A 197 -1.60 -8.19 -5.25
C ILE A 197 -0.15 -8.24 -4.81
N ILE A 198 0.11 -7.60 -3.67
CA ILE A 198 1.51 -7.57 -3.22
C ILE A 198 2.11 -8.94 -3.00
N ALA A 199 1.28 -9.90 -2.59
CA ALA A 199 1.67 -11.27 -2.39
C ALA A 199 1.83 -12.11 -3.66
N CYS A 200 1.35 -11.64 -4.79
CA CYS A 200 1.35 -12.46 -6.02
C CYS A 200 2.70 -12.45 -6.69
N PRO A 201 3.20 -13.65 -7.03
CA PRO A 201 4.51 -13.80 -7.67
C PRO A 201 4.52 -13.48 -9.16
N VAL A 202 3.34 -13.35 -9.77
CA VAL A 202 3.13 -13.25 -11.22
C VAL A 202 2.12 -12.12 -11.48
N ALA A 203 1.70 -11.97 -12.73
CA ALA A 203 0.80 -10.89 -13.14
C ALA A 203 -0.65 -11.30 -13.03
N ALA A 204 -0.99 -12.22 -12.12
CA ALA A 204 -2.38 -12.65 -12.07
C ALA A 204 -3.23 -11.60 -11.38
N LEU A 205 -2.71 -11.01 -10.31
CA LEU A 205 -3.47 -9.95 -9.63
C LEU A 205 -2.78 -8.61 -9.93
N SER A 206 -3.58 -7.61 -10.26
CA SER A 206 -3.09 -6.31 -10.60
C SER A 206 -4.07 -5.25 -10.11
N GLU A 207 -3.61 -3.99 -10.19
CA GLU A 207 -4.51 -2.86 -9.98
C GLU A 207 -5.38 -2.62 -11.22
N LYS A 208 -6.56 -2.05 -10.98
CA LYS A 208 -7.43 -1.57 -12.06
C LYS A 208 -6.80 -0.35 -12.71
N SER A 209 -6.48 -0.44 -14.01
CA SER A 209 -5.69 0.62 -14.63
C SER A 209 -6.49 1.93 -14.77
N HIS A 210 -5.77 3.01 -14.42
CA HIS A 210 -6.28 4.34 -14.74
C HIS A 210 -5.38 5.01 -15.79
N MET A 211 -4.54 4.18 -16.46
CA MET A 211 -3.57 4.78 -17.38
C MET A 211 -4.27 5.42 -18.58
N ASP A 212 -5.39 4.86 -19.02
CA ASP A 212 -6.06 5.47 -20.17
C ASP A 212 -6.66 6.81 -19.79
N ARG A 213 -7.16 6.97 -18.56
CA ARG A 213 -7.71 8.25 -18.16
C ARG A 213 -6.64 9.33 -18.25
N VAL A 214 -5.46 8.97 -17.74
CA VAL A 214 -4.34 9.90 -17.72
C VAL A 214 -3.87 10.24 -19.12
N LYS A 215 -3.69 9.22 -19.94
CA LYS A 215 -3.19 9.41 -21.32
C LYS A 215 -4.09 10.34 -22.11
N ASN A 216 -5.37 10.05 -21.99
CA ASN A 216 -6.38 10.80 -22.75
C ASN A 216 -6.41 12.24 -22.25
N ALA A 217 -6.29 12.48 -20.95
CA ALA A 217 -6.30 13.84 -20.44
C ALA A 217 -5.05 14.57 -20.90
N LEU A 218 -3.89 13.94 -20.85
CA LEU A 218 -2.67 14.62 -21.33
C LEU A 218 -2.76 14.95 -22.81
N ASN A 219 -3.47 14.11 -23.56
CA ASN A 219 -3.63 14.37 -24.99
C ASN A 219 -4.76 15.32 -25.33
N ALA A 220 -5.61 15.71 -24.41
CA ALA A 220 -6.71 16.63 -24.71
C ALA A 220 -6.24 18.07 -24.56
N PRO A 221 -6.19 18.84 -25.66
CA PRO A 221 -5.58 20.17 -25.54
C PRO A 221 -6.25 21.09 -24.52
N GLU A 222 -7.55 20.94 -24.30
CA GLU A 222 -8.22 21.85 -23.35
C GLU A 222 -8.10 21.45 -21.89
N LYS A 223 -7.62 20.24 -21.64
CA LYS A 223 -7.46 19.82 -20.24
C LYS A 223 -6.12 20.31 -19.69
N HIS A 224 -6.20 20.89 -18.52
CA HIS A 224 -5.07 21.26 -17.70
C HIS A 224 -4.84 20.18 -16.65
N VAL A 225 -3.79 19.40 -16.79
CA VAL A 225 -3.68 18.16 -16.01
C VAL A 225 -2.70 18.37 -14.86
N ILE A 226 -3.24 18.33 -13.63
CA ILE A 226 -2.53 18.40 -12.38
C ILE A 226 -2.11 17.02 -11.92
N VAL A 227 -0.91 16.88 -11.37
CA VAL A 227 -0.57 15.62 -10.73
C VAL A 227 -0.02 15.89 -9.33
N ALA A 228 -0.33 14.96 -8.44
CA ALA A 228 0.14 15.04 -7.08
C ALA A 228 0.37 13.64 -6.52
N MET A 229 1.54 13.45 -5.89
CA MET A 229 1.85 12.12 -5.37
C MET A 229 1.67 12.05 -3.84
N ALA A 230 1.31 10.85 -3.40
CA ALA A 230 1.17 10.50 -1.99
C ALA A 230 2.52 10.55 -1.29
N PRO A 231 2.55 10.68 0.03
CA PRO A 231 3.83 10.57 0.78
C PRO A 231 4.72 9.42 0.40
N SER A 232 4.11 8.24 0.29
CA SER A 232 4.92 7.05 0.18
C SER A 232 5.61 6.89 -1.16
N VAL A 233 5.12 7.54 -2.19
CA VAL A 233 5.68 7.26 -3.53
C VAL A 233 7.14 7.61 -3.60
N ARG A 234 7.51 8.72 -2.97
CA ARG A 234 8.89 9.22 -3.00
C ARG A 234 9.87 8.35 -2.23
N ALA A 235 9.36 7.42 -1.45
CA ALA A 235 10.14 6.53 -0.62
C ALA A 235 10.24 5.11 -1.17
N SER A 236 9.64 4.90 -2.35
CA SER A 236 9.54 3.58 -2.87
C SER A 236 9.72 3.44 -4.39
N ILE A 237 9.38 4.45 -5.19
CA ILE A 237 9.37 4.17 -6.63
C ILE A 237 10.76 3.88 -7.18
N GLY A 238 11.77 4.41 -6.51
CA GLY A 238 13.13 4.14 -6.96
C GLY A 238 13.48 2.66 -6.98
N GLU A 239 12.78 1.83 -6.21
CA GLU A 239 13.02 0.38 -6.21
C GLU A 239 12.84 -0.22 -7.59
N LEU A 240 11.92 0.36 -8.37
CA LEU A 240 11.63 -0.12 -9.72
C LEU A 240 12.58 0.43 -10.78
N PHE A 241 13.55 1.24 -10.37
CA PHE A 241 14.58 1.77 -11.23
C PHE A 241 15.96 1.37 -10.76
N ASN A 242 16.04 0.23 -10.08
CA ASN A 242 17.26 -0.40 -9.64
C ASN A 242 18.04 0.44 -8.66
N MET A 243 17.38 1.35 -7.95
CA MET A 243 18.17 2.22 -7.07
C MET A 243 18.34 1.69 -5.65
N GLY A 244 17.69 0.56 -5.41
CA GLY A 244 17.70 -0.10 -4.11
C GLY A 244 16.58 0.43 -3.19
N PHE A 245 16.71 0.14 -1.90
CA PHE A 245 15.65 0.44 -0.92
C PHE A 245 15.97 1.68 -0.10
N GLY A 246 14.94 2.41 0.30
CA GLY A 246 15.06 3.53 1.23
C GLY A 246 15.67 4.76 0.62
N VAL A 247 15.59 4.90 -0.71
CA VAL A 247 16.10 6.05 -1.40
C VAL A 247 15.01 7.11 -1.58
N ASP A 248 15.35 8.31 -1.15
CA ASP A 248 14.50 9.48 -1.35
C ASP A 248 14.65 9.99 -2.79
N VAL A 249 13.61 9.80 -3.59
CA VAL A 249 13.67 10.24 -4.98
C VAL A 249 12.64 11.35 -5.29
N THR A 250 12.24 12.14 -4.29
CA THR A 250 11.24 13.19 -4.44
C THR A 250 11.50 14.09 -5.65
N GLY A 251 12.76 14.55 -5.70
CA GLY A 251 13.08 15.54 -6.73
C GLY A 251 13.10 14.95 -8.12
N LYS A 252 13.53 13.69 -8.19
CA LYS A 252 13.55 13.03 -9.48
C LYS A 252 12.10 12.83 -9.99
N ILE A 253 11.21 12.48 -9.05
CA ILE A 253 9.81 12.34 -9.46
C ILE A 253 9.25 13.63 -10.05
N TYR A 254 9.49 14.74 -9.35
CA TYR A 254 8.97 15.97 -9.90
C TYR A 254 9.49 16.27 -11.31
N THR A 255 10.76 16.02 -11.53
CA THR A 255 11.31 16.18 -12.88
C THR A 255 10.68 15.22 -13.90
N ALA A 256 10.51 13.94 -13.51
CA ALA A 256 9.87 13.00 -14.43
C ALA A 256 8.45 13.38 -14.81
N LEU A 257 7.73 13.87 -13.79
CA LEU A 257 6.33 14.27 -14.05
C LEU A 257 6.24 15.41 -15.06
N ARG A 258 7.15 16.36 -14.94
CA ARG A 258 7.22 17.46 -15.92
C ARG A 258 7.53 16.87 -17.29
N GLN A 259 8.48 15.91 -17.34
CA GLN A 259 8.84 15.40 -18.66
C GLN A 259 7.68 14.62 -19.27
N LEU A 260 6.79 14.09 -18.43
CA LEU A 260 5.64 13.38 -18.94
C LEU A 260 4.54 14.29 -19.48
N GLY A 261 4.64 15.58 -19.17
CA GLY A 261 3.77 16.57 -19.74
C GLY A 261 2.64 17.07 -18.87
N PHE A 262 2.71 16.71 -17.58
CA PHE A 262 1.73 17.27 -16.67
C PHE A 262 1.89 18.79 -16.61
N ASP A 263 0.78 19.48 -16.44
CA ASP A 263 0.75 20.94 -16.45
C ASP A 263 1.09 21.63 -15.13
N LYS A 264 0.85 20.89 -14.04
CA LYS A 264 1.14 21.42 -12.72
C LYS A 264 1.58 20.26 -11.83
N ILE A 265 2.65 20.54 -11.09
CA ILE A 265 3.20 19.53 -10.20
C ILE A 265 2.99 19.92 -8.76
N PHE A 266 1.97 19.29 -8.17
CA PHE A 266 1.60 19.53 -6.76
C PHE A 266 1.94 18.29 -5.94
N ASP A 267 1.44 18.18 -4.72
CA ASP A 267 1.85 17.12 -3.81
C ASP A 267 0.72 16.79 -2.86
N ILE A 268 0.40 15.51 -2.74
CA ILE A 268 -0.67 15.16 -1.77
C ILE A 268 -0.26 15.48 -0.34
N ASN A 269 1.02 15.66 -0.06
CA ASN A 269 1.42 16.08 1.30
C ASN A 269 0.80 17.43 1.61
N PHE A 270 0.52 18.23 0.60
CA PHE A 270 -0.24 19.48 0.88
C PHE A 270 -1.66 19.20 1.38
N GLY A 271 -2.31 18.23 0.72
CA GLY A 271 -3.59 17.72 1.17
C GLY A 271 -3.48 17.10 2.57
N ALA A 272 -2.35 16.48 2.91
CA ALA A 272 -2.19 15.94 4.25
C ALA A 272 -2.27 17.06 5.29
N ASP A 273 -1.55 18.16 4.97
CA ASP A 273 -1.62 19.29 5.88
C ASP A 273 -3.04 19.84 5.98
N MET A 274 -3.78 19.86 4.86
CA MET A 274 -5.16 20.29 4.91
C MET A 274 -6.00 19.36 5.77
N THR A 275 -5.87 18.07 5.58
CA THR A 275 -6.63 17.12 6.41
C THR A 275 -6.35 17.41 7.88
N ILE A 276 -5.09 17.68 8.21
CA ILE A 276 -4.75 17.95 9.61
C ILE A 276 -5.42 19.23 10.07
N MET A 277 -5.41 20.29 9.28
CA MET A 277 -6.15 21.50 9.69
C MET A 277 -7.59 21.20 10.07
N GLU A 278 -8.27 20.42 9.23
CA GLU A 278 -9.67 20.12 9.51
C GLU A 278 -9.80 19.14 10.67
N GLU A 279 -8.97 18.11 10.67
CA GLU A 279 -9.19 17.04 11.67
C GLU A 279 -8.70 17.44 13.05
N ALA A 280 -7.58 18.15 13.15
CA ALA A 280 -7.13 18.66 14.44
C ALA A 280 -8.18 19.63 15.00
N THR A 281 -8.72 20.47 14.14
CA THR A 281 -9.80 21.35 14.58
C THR A 281 -10.98 20.58 15.10
N GLU A 282 -11.36 19.51 14.42
CA GLU A 282 -12.49 18.71 14.84
C GLU A 282 -12.22 18.03 16.19
N LEU A 283 -10.98 17.56 16.36
CA LEU A 283 -10.65 16.90 17.62
C LEU A 283 -10.79 17.87 18.80
N VAL A 284 -10.31 19.09 18.59
CA VAL A 284 -10.45 20.10 19.64
C VAL A 284 -11.91 20.41 19.92
N GLN A 285 -12.72 20.43 18.86
CA GLN A 285 -14.15 20.64 19.13
C GLN A 285 -14.74 19.49 19.94
N ARG A 286 -14.37 18.27 19.59
CA ARG A 286 -14.87 17.14 20.35
C ARG A 286 -14.40 17.22 21.80
N ILE A 287 -13.15 17.67 22.00
CA ILE A 287 -12.74 17.85 23.41
C ILE A 287 -13.60 18.87 24.11
N GLU A 288 -13.80 20.04 23.48
CA GLU A 288 -14.66 21.03 24.08
C GLU A 288 -16.09 20.52 24.31
N ASN A 289 -16.62 19.65 23.49
CA ASN A 289 -17.98 19.17 23.52
C ASN A 289 -18.13 17.87 24.34
N ASN A 290 -17.05 17.38 24.93
CA ASN A 290 -17.02 16.14 25.69
C ASN A 290 -17.45 14.97 24.83
N GLY A 291 -17.04 15.07 23.57
CA GLY A 291 -17.30 13.99 22.64
C GLY A 291 -18.05 14.38 21.40
N PRO A 292 -18.54 13.42 20.63
CA PRO A 292 -18.45 11.99 20.90
C PRO A 292 -17.06 11.39 20.68
N PHE A 293 -16.74 10.44 21.55
CA PHE A 293 -15.46 9.77 21.53
C PHE A 293 -15.67 8.27 21.33
N PRO A 294 -14.72 7.57 20.73
CA PRO A 294 -13.56 8.12 20.07
C PRO A 294 -13.92 8.69 18.69
N MET A 295 -13.07 9.60 18.23
CA MET A 295 -12.97 9.97 16.84
C MET A 295 -11.95 9.07 16.17
N PHE A 296 -12.38 8.51 15.04
CA PHE A 296 -11.49 7.66 14.25
C PHE A 296 -11.04 8.45 13.02
N THR A 297 -9.81 8.24 12.58
CA THR A 297 -9.43 8.77 11.28
C THR A 297 -10.30 8.17 10.18
N SER A 298 -10.34 8.87 9.06
CA SER A 298 -11.15 8.47 7.92
C SER A 298 -10.41 8.52 6.59
N CYS A 299 -9.11 8.61 6.64
CA CYS A 299 -8.27 8.82 5.46
C CYS A 299 -7.87 7.55 4.76
N CYS A 300 -8.01 6.38 5.37
CA CYS A 300 -7.69 5.13 4.72
C CYS A 300 -8.97 4.48 4.17
N PRO A 301 -9.14 4.43 2.85
CA PRO A 301 -10.39 3.86 2.30
C PRO A 301 -10.55 2.37 2.56
N GLY A 302 -9.45 1.69 2.83
CA GLY A 302 -9.55 0.28 3.25
C GLY A 302 -10.25 0.16 4.58
N TRP A 303 -9.86 0.99 5.53
CA TRP A 303 -10.47 1.12 6.85
C TRP A 303 -11.90 1.62 6.70
N VAL A 304 -12.14 2.60 5.83
CA VAL A 304 -13.54 3.00 5.68
C VAL A 304 -14.42 1.85 5.26
N ARG A 305 -13.93 1.04 4.30
CA ARG A 305 -14.69 -0.11 3.86
C ARG A 305 -14.85 -1.13 4.99
N GLN A 306 -13.79 -1.33 5.75
CA GLN A 306 -13.86 -2.22 6.90
C GLN A 306 -14.94 -1.73 7.88
N ALA A 307 -14.96 -0.44 8.16
CA ALA A 307 -16.03 0.07 9.04
C ALA A 307 -17.43 -0.14 8.46
N GLU A 308 -17.57 0.17 7.17
CA GLU A 308 -18.86 0.03 6.49
C GLU A 308 -19.34 -1.42 6.54
N ASN A 309 -18.38 -2.32 6.31
CA ASN A 309 -18.71 -3.72 6.12
C ASN A 309 -18.78 -4.51 7.43
N TYR A 310 -18.08 -4.03 8.46
CA TYR A 310 -18.05 -4.77 9.70
C TYR A 310 -18.41 -3.95 10.94
N TYR A 311 -18.27 -2.61 10.91
CA TYR A 311 -18.57 -1.79 12.08
C TYR A 311 -19.35 -0.55 11.76
N PRO A 312 -20.51 -0.72 11.11
CA PRO A 312 -21.26 0.46 10.63
C PRO A 312 -21.64 1.43 11.75
N GLU A 313 -21.77 0.88 12.94
CA GLU A 313 -22.13 1.68 14.11
C GLU A 313 -21.04 2.67 14.42
N LEU A 314 -19.84 2.53 13.88
CA LEU A 314 -18.76 3.47 14.13
C LEU A 314 -18.68 4.59 13.10
N LEU A 315 -19.43 4.50 12.01
CA LEU A 315 -19.31 5.48 10.94
C LEU A 315 -19.53 6.91 11.40
N ASN A 316 -20.47 7.14 12.34
CA ASN A 316 -20.67 8.56 12.71
C ASN A 316 -19.50 9.04 13.59
N ASN A 317 -18.63 8.15 14.07
CA ASN A 317 -17.45 8.57 14.86
C ASN A 317 -16.23 8.87 13.98
N LEU A 318 -16.35 8.59 12.66
CA LEU A 318 -15.24 8.88 11.75
C LEU A 318 -15.09 10.40 11.62
N SER A 319 -13.86 10.88 11.58
CA SER A 319 -13.57 12.26 11.23
C SER A 319 -14.28 12.65 9.94
N SER A 320 -14.91 13.84 9.94
CA SER A 320 -15.56 14.30 8.72
C SER A 320 -14.57 14.86 7.73
N ALA A 321 -13.32 15.09 8.12
CA ALA A 321 -12.39 15.61 7.14
C ALA A 321 -12.21 14.64 5.96
N LYS A 322 -12.20 15.21 4.74
CA LYS A 322 -11.84 14.38 3.60
C LYS A 322 -10.38 13.91 3.73
N SER A 323 -10.08 12.77 3.09
CA SER A 323 -8.72 12.31 3.04
C SER A 323 -7.84 13.29 2.29
N PRO A 324 -6.54 13.21 2.50
CA PRO A 324 -5.62 14.08 1.73
C PRO A 324 -5.88 14.06 0.23
N GLN A 325 -6.10 12.89 -0.34
CA GLN A 325 -6.40 12.84 -1.76
C GLN A 325 -7.66 13.60 -2.10
N GLN A 326 -8.76 13.35 -1.38
CA GLN A 326 -10.04 13.91 -1.79
C GLN A 326 -10.12 15.38 -1.37
N ILE A 327 -9.45 15.74 -0.29
CA ILE A 327 -9.48 17.16 0.14
C ILE A 327 -8.68 17.98 -0.86
N PHE A 328 -7.54 17.44 -1.28
CA PHE A 328 -6.74 18.07 -2.31
C PHE A 328 -7.58 18.22 -3.57
N GLY A 329 -8.20 17.14 -3.99
CA GLY A 329 -8.95 17.19 -5.24
C GLY A 329 -10.02 18.27 -5.21
N THR A 330 -10.77 18.33 -4.12
CA THR A 330 -11.82 19.31 -3.94
C THR A 330 -11.24 20.70 -4.09
N ALA A 331 -10.11 20.98 -3.45
CA ALA A 331 -9.46 22.30 -3.54
C ALA A 331 -8.94 22.58 -4.94
N SER A 332 -8.50 21.57 -5.67
CA SER A 332 -8.00 21.72 -7.02
C SER A 332 -9.09 22.18 -7.97
N LYS A 333 -10.36 22.03 -7.67
CA LYS A 333 -11.44 22.38 -8.57
C LYS A 333 -12.11 23.70 -8.14
N THR A 334 -11.64 24.24 -7.03
CA THR A 334 -12.26 25.41 -6.40
C THR A 334 -11.20 26.46 -6.16
N TYR A 335 -10.32 26.23 -5.20
CA TYR A 335 -9.23 27.17 -4.94
C TYR A 335 -8.28 27.33 -6.10
N TYR A 336 -7.90 26.22 -6.71
CA TYR A 336 -6.84 26.39 -7.73
C TYR A 336 -7.33 27.26 -8.89
N PRO A 337 -8.54 27.07 -9.43
CA PRO A 337 -9.05 28.03 -10.40
C PRO A 337 -8.97 29.48 -9.95
N SER A 338 -9.23 29.73 -8.68
CA SER A 338 -9.29 31.07 -8.15
C SER A 338 -7.93 31.75 -8.16
N ILE A 339 -6.86 31.00 -8.26
CA ILE A 339 -5.53 31.62 -8.32
C ILE A 339 -4.84 31.43 -9.67
N SER A 340 -5.56 30.91 -10.65
CA SER A 340 -5.00 30.59 -11.94
C SER A 340 -5.79 31.10 -13.14
N GLY A 341 -7.09 31.26 -13.04
CA GLY A 341 -7.94 31.60 -14.16
C GLY A 341 -8.45 30.40 -14.94
N LEU A 342 -8.05 29.18 -14.56
CA LEU A 342 -8.51 27.97 -15.22
C LEU A 342 -10.01 27.83 -15.07
N ASP A 343 -10.66 27.37 -16.13
CA ASP A 343 -12.04 26.99 -15.96
C ASP A 343 -12.08 25.69 -15.12
N PRO A 344 -12.78 25.60 -14.01
CA PRO A 344 -12.72 24.37 -13.19
C PRO A 344 -13.05 23.11 -13.98
N LYS A 345 -13.94 23.18 -14.95
CA LYS A 345 -14.29 22.01 -15.74
C LYS A 345 -13.13 21.50 -16.61
N ASN A 346 -12.10 22.30 -16.84
CA ASN A 346 -10.96 21.86 -17.61
C ASN A 346 -9.80 21.38 -16.78
N VAL A 347 -9.90 21.48 -15.46
CA VAL A 347 -8.86 20.93 -14.57
C VAL A 347 -9.06 19.42 -14.49
N PHE A 348 -8.00 18.66 -14.74
CA PHE A 348 -8.08 17.21 -14.61
C PHE A 348 -7.07 16.82 -13.55
N THR A 349 -7.53 16.25 -12.44
CA THR A 349 -6.63 15.99 -11.31
C THR A 349 -6.30 14.50 -11.13
N VAL A 350 -4.99 14.22 -11.19
CA VAL A 350 -4.42 12.88 -11.13
C VAL A 350 -3.62 12.74 -9.85
N THR A 351 -3.85 11.66 -9.10
CA THR A 351 -2.95 11.38 -8.00
C THR A 351 -2.17 10.11 -8.31
N VAL A 352 -1.01 10.03 -7.68
CA VAL A 352 -0.16 8.88 -7.67
C VAL A 352 -0.13 8.38 -6.20
N MET A 353 -0.57 7.14 -6.01
CA MET A 353 -0.80 6.54 -4.72
C MET A 353 -0.14 5.17 -4.58
N PRO A 354 0.26 4.83 -3.35
CA PRO A 354 0.80 3.50 -3.08
C PRO A 354 -0.32 2.47 -2.89
N CYS A 355 -1.53 2.78 -3.38
CA CYS A 355 -2.78 2.19 -2.92
C CYS A 355 -3.73 1.86 -4.04
N THR A 356 -4.38 0.71 -3.97
CA THR A 356 -5.45 0.38 -4.87
C THR A 356 -6.80 0.86 -4.35
N SER A 357 -7.03 0.93 -3.03
CA SER A 357 -8.32 1.31 -2.49
C SER A 357 -8.65 2.76 -2.81
N LYS A 358 -7.59 3.57 -3.04
CA LYS A 358 -7.73 4.99 -3.39
C LYS A 358 -8.47 5.17 -4.72
N LYS A 359 -8.38 4.20 -5.62
CA LYS A 359 -9.17 4.29 -6.85
C LYS A 359 -10.66 4.18 -6.59
N PHE A 360 -11.08 3.28 -5.69
CA PHE A 360 -12.47 3.19 -5.27
C PHE A 360 -12.93 4.48 -4.61
N GLU A 361 -12.09 5.02 -3.69
CA GLU A 361 -12.41 6.29 -3.03
C GLU A 361 -12.68 7.39 -4.06
N ALA A 362 -11.77 7.53 -5.04
CA ALA A 362 -11.94 8.58 -6.02
C ALA A 362 -13.17 8.48 -6.89
N ASP A 363 -13.58 7.24 -7.06
CA ASP A 363 -14.74 6.97 -7.89
C ASP A 363 -16.03 6.91 -7.11
N ARG A 364 -16.03 7.22 -5.81
CA ARG A 364 -17.30 7.22 -5.07
C ARG A 364 -18.25 8.27 -5.63
N PRO A 365 -19.48 7.91 -5.93
CA PRO A 365 -20.37 8.88 -6.60
C PRO A 365 -20.42 10.26 -5.99
N GLN A 366 -20.46 10.37 -4.67
CA GLN A 366 -20.63 11.70 -4.10
C GLN A 366 -19.35 12.48 -3.92
N MET A 367 -18.23 11.94 -4.38
CA MET A 367 -16.95 12.64 -4.25
C MET A 367 -16.75 13.59 -5.44
N GLU A 368 -17.68 14.54 -5.49
CA GLU A 368 -17.76 15.49 -6.59
C GLU A 368 -18.64 16.67 -6.13
N LYS A 369 -18.60 17.77 -6.86
CA LYS A 369 -19.41 18.95 -6.59
C LYS A 369 -19.62 19.68 -7.91
N ASP A 370 -20.85 20.10 -8.13
CA ASP A 370 -21.14 20.88 -9.34
C ASP A 370 -20.68 20.15 -10.60
N GLY A 371 -20.85 18.85 -10.57
CA GLY A 371 -20.57 17.85 -11.58
C GLY A 371 -19.07 17.64 -11.77
N LEU A 372 -18.18 18.22 -10.98
CA LEU A 372 -16.74 18.09 -11.11
C LEU A 372 -16.22 17.12 -10.05
N ARG A 373 -15.52 16.09 -10.52
CA ARG A 373 -14.97 15.11 -9.62
C ARG A 373 -13.87 15.75 -8.80
N ASP A 374 -13.77 15.35 -7.55
CA ASP A 374 -12.63 15.80 -6.76
C ASP A 374 -11.34 15.34 -7.42
N ILE A 375 -11.31 14.05 -7.78
CA ILE A 375 -10.15 13.39 -8.36
C ILE A 375 -10.58 12.62 -9.60
N ASP A 376 -9.89 12.89 -10.71
CA ASP A 376 -10.30 12.30 -11.98
C ASP A 376 -9.61 11.00 -12.28
N ALA A 377 -8.41 10.81 -11.76
CA ALA A 377 -7.69 9.54 -11.98
C ALA A 377 -6.72 9.32 -10.83
N VAL A 378 -6.49 8.07 -10.49
CA VAL A 378 -5.53 7.60 -9.49
C VAL A 378 -4.66 6.51 -10.10
N ILE A 379 -3.36 6.76 -10.17
CA ILE A 379 -2.47 5.71 -10.66
C ILE A 379 -1.59 5.26 -9.49
N THR A 380 -1.29 3.95 -9.46
CA THR A 380 -0.40 3.47 -8.42
C THR A 380 1.06 3.85 -8.70
N THR A 381 1.90 3.65 -7.68
CA THR A 381 3.35 3.76 -7.85
C THR A 381 3.83 2.92 -9.02
N ARG A 382 3.32 1.69 -9.11
CA ARG A 382 3.70 0.83 -10.21
C ARG A 382 3.29 1.39 -11.57
N GLU A 383 2.08 1.95 -11.64
CA GLU A 383 1.62 2.55 -12.91
C GLU A 383 2.47 3.74 -13.32
N LEU A 384 2.81 4.56 -12.33
CA LEU A 384 3.69 5.70 -12.68
C LEU A 384 5.04 5.20 -13.15
N ALA A 385 5.62 4.19 -12.50
CA ALA A 385 6.92 3.65 -12.95
C ALA A 385 6.82 3.18 -14.40
N LYS A 386 5.72 2.50 -14.72
CA LYS A 386 5.56 2.02 -16.09
C LYS A 386 5.48 3.18 -17.07
N MET A 387 4.76 4.22 -16.71
CA MET A 387 4.65 5.40 -17.56
C MET A 387 5.99 6.04 -17.84
N ILE A 388 6.78 6.15 -16.78
CA ILE A 388 8.12 6.74 -16.91
C ILE A 388 8.98 5.89 -17.81
N LYS A 389 8.95 4.57 -17.60
CA LYS A 389 9.72 3.66 -18.44
C LYS A 389 9.26 3.69 -19.90
N ASP A 390 7.95 3.74 -20.12
CA ASP A 390 7.42 3.75 -21.49
C ASP A 390 7.83 5.00 -22.27
N ALA A 391 8.00 6.09 -21.53
CA ALA A 391 8.48 7.34 -22.08
C ALA A 391 10.00 7.42 -22.21
N LYS A 392 10.67 6.38 -21.79
CA LYS A 392 12.12 6.25 -21.89
C LYS A 392 12.86 7.32 -21.08
N ILE A 393 12.22 7.73 -19.99
CA ILE A 393 12.85 8.72 -19.10
C ILE A 393 13.90 8.09 -18.22
N PRO A 394 15.11 8.57 -18.24
CA PRO A 394 16.20 7.95 -17.45
C PRO A 394 16.18 8.42 -16.00
N PHE A 395 15.16 7.88 -15.34
CA PHE A 395 14.86 8.28 -13.97
C PHE A 395 16.05 8.35 -13.00
N ALA A 396 16.90 7.32 -12.99
CA ALA A 396 17.90 7.21 -11.94
C ALA A 396 18.95 8.31 -12.07
N LYS A 397 19.03 8.94 -13.24
CA LYS A 397 20.00 10.03 -13.41
C LYS A 397 19.35 11.38 -13.63
N LEU A 398 18.06 11.54 -13.30
CA LEU A 398 17.45 12.85 -13.45
C LEU A 398 17.95 13.82 -12.37
N GLU A 399 17.97 15.10 -12.75
CA GLU A 399 18.28 16.17 -11.82
C GLU A 399 17.03 16.45 -10.99
N ASP A 400 17.23 16.95 -9.80
CA ASP A 400 16.08 17.25 -8.96
C ASP A 400 15.39 18.53 -9.39
N SER A 401 14.09 18.59 -9.21
CA SER A 401 13.35 19.83 -9.39
C SER A 401 12.40 19.95 -8.19
N GLU A 402 11.64 21.02 -8.13
CA GLU A 402 10.74 21.26 -7.03
C GLU A 402 9.29 21.21 -7.48
N ALA A 403 8.37 21.12 -6.52
CA ALA A 403 6.97 21.16 -6.88
C ALA A 403 6.54 22.61 -7.14
N ASP A 404 5.45 22.76 -7.85
CA ASP A 404 4.79 24.07 -7.88
C ASP A 404 4.20 24.34 -6.50
N PRO A 405 4.58 25.48 -5.89
CA PRO A 405 4.34 25.63 -4.47
C PRO A 405 2.91 25.84 -4.03
N ALA A 406 2.03 26.36 -4.84
CA ALA A 406 0.75 26.80 -4.26
C ALA A 406 -0.08 25.67 -3.68
N MET A 407 0.05 24.48 -4.23
CA MET A 407 -0.57 23.28 -3.61
C MET A 407 0.48 22.18 -3.55
N GLY A 408 1.71 22.61 -3.38
CA GLY A 408 2.84 21.70 -3.42
C GLY A 408 3.72 21.71 -2.18
N GLU A 409 3.74 22.86 -1.45
CA GLU A 409 4.47 22.91 -0.19
C GLU A 409 3.90 21.90 0.79
N TYR A 410 4.80 21.29 1.56
CA TYR A 410 4.34 20.48 2.70
C TYR A 410 5.25 20.60 3.92
N SER A 411 4.58 20.45 5.08
CA SER A 411 5.28 20.37 6.35
C SER A 411 5.74 18.96 6.68
N GLY A 412 6.62 18.85 7.68
CA GLY A 412 7.04 17.50 8.06
C GLY A 412 5.96 16.66 8.69
N ALA A 413 4.94 17.28 9.23
CA ALA A 413 3.76 16.59 9.72
C ALA A 413 3.09 15.89 8.54
N GLY A 414 2.91 16.57 7.43
CA GLY A 414 2.28 15.88 6.31
C GLY A 414 3.17 14.79 5.74
N ALA A 415 4.47 15.04 5.83
CA ALA A 415 5.44 14.13 5.23
C ALA A 415 5.41 12.73 5.81
N ILE A 416 5.06 12.61 7.06
CA ILE A 416 5.11 11.32 7.76
C ILE A 416 3.83 10.53 7.63
N PHE A 417 2.83 11.02 6.92
CA PHE A 417 1.51 10.41 6.81
C PHE A 417 1.61 8.98 6.37
N GLY A 418 2.56 8.66 5.53
CA GLY A 418 2.60 7.36 4.90
C GLY A 418 3.05 6.22 5.77
N ALA A 419 3.52 6.54 6.99
CA ALA A 419 3.91 5.50 7.94
C ALA A 419 2.81 5.35 8.99
N THR A 420 2.60 4.15 9.48
CA THR A 420 1.69 3.93 10.62
C THR A 420 2.03 4.79 11.81
N GLY A 421 1.05 5.54 12.30
CA GLY A 421 1.23 6.49 13.39
C GLY A 421 1.58 7.88 12.91
N GLY A 422 1.82 8.08 11.63
CA GLY A 422 2.15 9.37 11.06
C GLY A 422 0.99 10.34 11.16
N VAL A 423 -0.20 9.88 10.77
CA VAL A 423 -1.38 10.74 10.90
C VAL A 423 -1.60 11.17 12.33
N MET A 424 -1.49 10.23 13.25
CA MET A 424 -1.65 10.52 14.67
C MET A 424 -0.67 11.57 15.14
N GLU A 425 0.60 11.38 14.82
CA GLU A 425 1.62 12.31 15.24
C GLU A 425 1.36 13.69 14.65
N ALA A 426 1.12 13.75 13.34
CA ALA A 426 0.82 15.01 12.68
C ALA A 426 -0.37 15.73 13.33
N ALA A 427 -1.41 14.94 13.64
CA ALA A 427 -2.63 15.53 14.20
C ALA A 427 -2.40 16.11 15.58
N LEU A 428 -1.68 15.39 16.40
CA LEU A 428 -1.41 15.84 17.75
C LEU A 428 -0.58 17.13 17.74
N ARG A 429 0.37 17.30 16.83
CA ARG A 429 1.21 18.48 16.74
C ARG A 429 0.34 19.72 16.51
N SER A 430 -0.70 19.60 15.71
CA SER A 430 -1.56 20.79 15.55
C SER A 430 -2.62 20.85 16.65
N ALA A 431 -3.22 19.74 17.07
CA ALA A 431 -4.32 19.81 18.04
C ALA A 431 -3.86 20.38 19.37
N LYS A 432 -2.65 19.99 19.79
CA LYS A 432 -2.19 20.54 21.08
C LYS A 432 -1.90 22.03 20.98
N ASP A 433 -1.27 22.52 19.91
CA ASP A 433 -1.15 23.97 19.78
C ASP A 433 -2.50 24.64 19.73
N PHE A 434 -3.43 24.04 18.98
CA PHE A 434 -4.75 24.65 18.85
C PHE A 434 -5.46 24.73 20.21
N ALA A 435 -5.41 23.62 20.96
CA ALA A 435 -6.19 23.55 22.20
C ALA A 435 -5.57 24.42 23.28
N GLU A 436 -4.24 24.59 23.19
CA GLU A 436 -3.58 25.31 24.27
C GLU A 436 -3.29 26.75 23.89
N ASN A 437 -3.61 27.11 22.66
CA ASN A 437 -3.34 28.47 22.16
C ASN A 437 -1.86 28.80 22.34
N ALA A 438 -1.05 27.82 21.89
CA ALA A 438 0.37 27.82 22.17
C ALA A 438 1.19 27.40 20.96
N GLU A 439 2.48 27.61 20.91
CA GLU A 439 3.35 27.13 19.83
C GLU A 439 4.45 26.31 20.49
N LEU A 440 4.14 25.05 20.70
CA LEU A 440 4.96 24.15 21.49
C LEU A 440 6.17 23.69 20.72
N GLU A 441 7.31 23.67 21.41
CA GLU A 441 8.48 23.21 20.66
C GLU A 441 8.59 21.71 20.67
N ASP A 442 8.02 21.06 21.68
CA ASP A 442 8.11 19.62 21.81
C ASP A 442 7.08 18.95 20.89
N ILE A 443 7.48 18.38 19.76
CA ILE A 443 6.52 17.88 18.77
C ILE A 443 6.71 16.42 18.35
N GLU A 444 7.68 15.71 18.92
CA GLU A 444 7.91 14.33 18.46
C GLU A 444 7.10 13.36 19.32
N TYR A 445 6.28 12.53 18.69
CA TYR A 445 5.45 11.58 19.44
C TYR A 445 5.91 10.16 19.11
N LYS A 446 7.07 9.81 19.63
CA LYS A 446 7.67 8.53 19.25
C LYS A 446 6.88 7.34 19.68
N GLN A 447 6.02 7.45 20.67
CA GLN A 447 5.19 6.42 21.28
C GLN A 447 4.18 5.89 20.27
N VAL A 448 3.90 6.65 19.21
CA VAL A 448 2.87 6.15 18.27
C VAL A 448 3.53 5.63 16.99
N ARG A 449 4.87 5.69 16.97
CA ARG A 449 5.59 5.19 15.80
C ARG A 449 5.91 3.71 15.88
N GLY A 450 6.31 3.17 14.73
CA GLY A 450 6.86 1.85 14.67
C GLY A 450 5.83 0.80 14.28
N LEU A 451 6.28 -0.45 14.30
CA LEU A 451 5.56 -1.50 13.61
C LEU A 451 4.75 -2.43 14.51
N ASN A 452 4.62 -2.13 15.81
CA ASN A 452 3.64 -2.85 16.64
C ASN A 452 2.28 -2.78 16.03
N GLY A 453 1.50 -3.84 16.19
CA GLY A 453 0.21 -3.85 15.53
C GLY A 453 -0.85 -2.94 16.11
N ILE A 454 -0.78 -2.68 17.40
CA ILE A 454 -1.63 -1.76 18.14
C ILE A 454 -0.73 -0.92 19.04
N LYS A 455 -0.83 0.40 18.96
CA LYS A 455 0.00 1.27 19.75
C LYS A 455 -0.87 2.26 20.50
N GLU A 456 -0.42 2.68 21.69
CA GLU A 456 -1.24 3.64 22.43
C GLU A 456 -0.33 4.68 23.09
N ALA A 457 -0.96 5.78 23.44
CA ALA A 457 -0.25 6.82 24.17
C ALA A 457 -1.27 7.62 24.97
N GLU A 458 -0.81 8.14 26.09
CA GLU A 458 -1.49 9.15 26.89
C GLU A 458 -0.88 10.51 26.56
N VAL A 459 -1.74 11.44 26.16
CA VAL A 459 -1.34 12.79 25.81
C VAL A 459 -2.07 13.80 26.65
N GLU A 460 -1.26 14.70 27.19
CA GLU A 460 -1.87 15.82 27.91
C GLU A 460 -2.19 16.95 26.95
N ILE A 461 -3.49 17.30 26.93
CA ILE A 461 -3.87 18.41 26.07
C ILE A 461 -4.60 19.41 26.98
N ASN A 462 -4.00 20.59 27.03
CA ASN A 462 -4.52 21.64 27.85
C ASN A 462 -4.92 21.22 29.25
N ASN A 463 -3.95 20.63 29.92
CA ASN A 463 -3.98 20.15 31.28
C ASN A 463 -4.99 19.06 31.60
N ASN A 464 -5.45 18.31 30.60
CA ASN A 464 -6.25 17.11 30.78
C ASN A 464 -5.57 15.96 30.01
N LYS A 465 -5.85 14.74 30.43
CA LYS A 465 -5.29 13.55 29.81
C LYS A 465 -6.27 12.87 28.85
N TYR A 466 -5.68 12.53 27.68
CA TYR A 466 -6.42 11.87 26.64
C TYR A 466 -5.67 10.61 26.23
N ASN A 467 -6.42 9.62 25.77
CA ASN A 467 -5.90 8.37 25.27
C ASN A 467 -6.05 8.26 23.76
N VAL A 468 -4.97 7.89 23.12
CA VAL A 468 -5.03 7.71 21.67
C VAL A 468 -4.52 6.30 21.37
N ALA A 469 -5.03 5.77 20.25
CA ALA A 469 -4.59 4.45 19.79
C ALA A 469 -4.26 4.54 18.29
N VAL A 470 -3.31 3.73 17.88
CA VAL A 470 -2.92 3.63 16.47
C VAL A 470 -3.02 2.15 16.11
N ILE A 471 -3.91 1.84 15.20
CA ILE A 471 -4.22 0.52 14.72
C ILE A 471 -3.47 0.29 13.42
N ASN A 472 -2.51 -0.60 13.44
CA ASN A 472 -1.56 -0.82 12.33
C ASN A 472 -1.90 -2.10 11.56
N GLY A 473 -2.85 -2.03 10.63
CA GLY A 473 -3.30 -3.16 9.84
C GLY A 473 -4.73 -3.56 10.12
N ALA A 474 -5.49 -3.98 9.10
CA ALA A 474 -6.89 -4.35 9.23
C ALA A 474 -7.09 -5.52 10.21
N SER A 475 -6.23 -6.53 10.19
CA SER A 475 -6.36 -7.61 11.15
C SER A 475 -6.22 -7.06 12.57
N ASN A 476 -5.45 -6.01 12.79
CA ASN A 476 -5.30 -5.48 14.14
C ASN A 476 -6.54 -4.66 14.53
N LEU A 477 -7.32 -4.15 13.58
CA LEU A 477 -8.59 -3.52 13.95
C LEU A 477 -9.53 -4.56 14.51
N PHE A 478 -9.59 -5.70 13.79
CA PHE A 478 -10.43 -6.76 14.33
C PHE A 478 -9.97 -7.16 15.74
N LYS A 479 -8.68 -7.31 15.94
CA LYS A 479 -8.18 -7.71 17.26
C LYS A 479 -8.54 -6.71 18.32
N PHE A 480 -8.34 -5.43 17.98
CA PHE A 480 -8.63 -4.36 18.93
C PHE A 480 -10.08 -4.33 19.38
N MET A 481 -11.00 -4.55 18.42
CA MET A 481 -12.43 -4.56 18.70
C MET A 481 -12.81 -5.87 19.40
N LYS A 482 -12.46 -7.00 18.81
CA LYS A 482 -12.95 -8.28 19.31
C LYS A 482 -12.42 -8.64 20.70
N SER A 483 -11.19 -8.24 20.97
CA SER A 483 -10.54 -8.50 22.24
C SER A 483 -11.08 -7.64 23.37
N GLY A 484 -11.82 -6.60 23.04
CA GLY A 484 -12.28 -5.65 24.04
C GLY A 484 -11.25 -4.62 24.42
N MET A 485 -10.09 -4.60 23.79
CA MET A 485 -9.05 -3.64 24.12
C MET A 485 -9.56 -2.21 24.11
N ILE A 486 -10.51 -2.01 23.19
CA ILE A 486 -11.14 -0.71 22.98
C ILE A 486 -11.87 -0.24 24.22
N ASN A 487 -12.17 -1.17 25.13
CA ASN A 487 -12.80 -0.84 26.39
C ASN A 487 -11.89 -0.83 27.59
N GLU A 488 -10.58 -1.10 27.51
CA GLU A 488 -9.72 -0.95 28.69
C GLU A 488 -9.76 0.47 29.25
N LYS A 489 -10.09 1.43 28.40
CA LYS A 489 -10.07 2.83 28.78
C LYS A 489 -10.89 3.61 27.76
N GLN A 490 -11.24 4.85 28.08
CA GLN A 490 -11.86 5.71 27.09
C GLN A 490 -10.80 6.21 26.09
N TYR A 491 -10.89 5.75 24.85
CA TYR A 491 -10.08 6.29 23.80
C TYR A 491 -10.73 7.57 23.21
N HIS A 492 -9.93 8.57 22.90
CA HIS A 492 -10.42 9.85 22.38
C HIS A 492 -10.19 10.01 20.89
N PHE A 493 -9.09 9.46 20.39
CA PHE A 493 -8.70 9.60 18.98
C PHE A 493 -7.94 8.35 18.56
N ILE A 494 -8.37 7.73 17.48
CA ILE A 494 -7.84 6.49 16.99
C ILE A 494 -7.56 6.56 15.49
N GLU A 495 -6.29 6.32 15.12
CA GLU A 495 -5.87 6.17 13.75
C GLU A 495 -6.00 4.70 13.35
N VAL A 496 -6.56 4.44 12.19
CA VAL A 496 -6.62 3.11 11.64
C VAL A 496 -6.06 3.12 10.22
N MET A 497 -5.08 2.22 9.96
CA MET A 497 -4.62 1.96 8.61
C MET A 497 -4.87 0.50 8.26
N ALA A 498 -5.33 0.26 7.03
CA ALA A 498 -5.62 -1.14 6.65
C ALA A 498 -4.35 -1.94 6.38
N CYS A 499 -3.31 -1.31 5.87
CA CYS A 499 -2.11 -2.01 5.51
C CYS A 499 -1.10 -1.99 6.64
N HIS A 500 -0.51 -3.15 6.94
CA HIS A 500 0.48 -3.19 8.00
C HIS A 500 1.74 -2.41 7.62
N GLY A 501 2.16 -1.46 8.47
CA GLY A 501 3.19 -0.51 8.18
C GLY A 501 2.67 0.82 7.70
N GLY A 502 1.40 0.92 7.41
CA GLY A 502 0.79 2.07 6.80
C GLY A 502 1.00 2.05 5.30
N CYS A 503 0.76 3.23 4.67
CA CYS A 503 0.69 3.29 3.24
C CYS A 503 2.02 2.93 2.57
N VAL A 504 3.14 3.01 3.29
CA VAL A 504 4.40 2.65 2.65
C VAL A 504 4.33 1.19 2.24
N ASN A 505 3.50 0.38 2.91
CA ASN A 505 3.31 -1.01 2.53
C ASN A 505 1.98 -1.25 1.82
N GLY A 506 1.49 -0.27 1.07
CA GLY A 506 0.23 -0.35 0.36
C GLY A 506 0.23 -1.27 -0.82
N GLY A 507 -1.01 -1.53 -1.28
CA GLY A 507 -1.22 -2.52 -2.33
C GLY A 507 -0.88 -2.06 -3.71
N GLY A 508 -0.58 -0.78 -3.88
CA GLY A 508 -0.10 -0.27 -5.17
C GLY A 508 1.40 -0.12 -5.27
N GLN A 509 2.13 -0.60 -4.25
CA GLN A 509 3.57 -0.41 -4.16
C GLN A 509 4.36 -1.40 -5.00
N PRO A 510 5.65 -1.14 -5.23
CA PRO A 510 6.48 -2.09 -5.97
C PRO A 510 6.48 -3.47 -5.27
N HIS A 511 6.42 -4.52 -6.08
CA HIS A 511 6.56 -5.86 -5.52
C HIS A 511 8.02 -5.98 -5.05
N VAL A 512 8.19 -6.84 -4.06
CA VAL A 512 9.50 -7.14 -3.50
C VAL A 512 9.65 -8.66 -3.49
N ASN A 513 10.82 -9.09 -3.98
CA ASN A 513 10.87 -10.56 -4.01
C ASN A 513 11.07 -11.10 -2.59
N PRO A 514 10.51 -12.29 -2.36
CA PRO A 514 10.56 -12.84 -1.00
C PRO A 514 11.95 -12.90 -0.40
N LYS A 515 13.01 -13.07 -1.18
CA LYS A 515 14.34 -13.15 -0.58
C LYS A 515 14.80 -11.82 -0.03
N ASP A 516 14.41 -10.74 -0.71
CA ASP A 516 14.77 -9.39 -0.28
C ASP A 516 13.95 -9.05 0.98
N LEU A 517 12.72 -9.57 0.98
CA LEU A 517 11.86 -9.29 2.11
C LEU A 517 12.51 -9.89 3.37
N GLU A 518 13.24 -10.97 3.15
CA GLU A 518 13.90 -11.70 4.24
C GLU A 518 15.08 -10.88 4.78
N LYS A 519 15.64 -10.05 3.91
CA LYS A 519 16.82 -9.33 4.36
C LYS A 519 16.58 -7.84 4.55
N VAL A 520 15.44 -7.33 4.12
CA VAL A 520 15.20 -5.90 4.23
C VAL A 520 13.86 -5.71 4.93
N ASP A 521 13.80 -4.92 5.97
CA ASP A 521 12.50 -4.63 6.58
C ASP A 521 11.86 -3.50 5.81
N ILE A 522 11.08 -3.88 4.81
CA ILE A 522 10.55 -2.93 3.85
C ILE A 522 9.70 -1.86 4.51
N LYS A 523 8.92 -2.22 5.52
CA LYS A 523 8.05 -1.25 6.16
C LYS A 523 8.86 -0.14 6.84
N LYS A 524 9.91 -0.55 7.55
CA LYS A 524 10.76 0.41 8.27
C LYS A 524 11.59 1.24 7.28
N VAL A 525 12.21 0.64 6.27
CA VAL A 525 13.14 1.29 5.37
C VAL A 525 12.40 2.32 4.55
N ARG A 526 11.21 1.99 4.05
CA ARG A 526 10.44 3.01 3.32
C ARG A 526 9.99 4.14 4.27
N ALA A 527 9.50 3.76 5.46
CA ALA A 527 9.09 4.80 6.38
C ALA A 527 10.24 5.74 6.76
N SER A 528 11.45 5.23 6.76
CA SER A 528 12.55 6.05 7.24
C SER A 528 12.75 7.27 6.36
N VAL A 529 12.43 7.09 5.07
CA VAL A 529 12.55 8.25 4.19
C VAL A 529 11.66 9.37 4.67
N LEU A 530 10.48 9.01 5.09
CA LEU A 530 9.44 9.99 5.45
C LEU A 530 9.80 10.71 6.74
N TYR A 531 10.22 9.90 7.72
CA TYR A 531 10.67 10.54 8.96
C TYR A 531 11.93 11.41 8.77
N ASN A 532 12.83 11.03 7.87
CA ASN A 532 13.99 11.87 7.63
C ASN A 532 13.58 13.20 7.02
N GLN A 533 12.55 13.14 6.16
CA GLN A 533 12.08 14.42 5.59
C GLN A 533 11.60 15.37 6.68
N ASP A 534 10.76 14.83 7.56
CA ASP A 534 10.26 15.57 8.69
C ASP A 534 11.42 16.18 9.47
N GLU A 535 12.47 15.45 9.72
CA GLU A 535 13.57 16.00 10.53
C GLU A 535 14.30 17.17 9.89
N HIS A 536 14.21 17.26 8.58
CA HIS A 536 14.91 18.32 7.87
C HIS A 536 14.03 19.43 7.37
N LEU A 537 12.72 19.31 7.55
CA LEU A 537 11.81 20.38 7.09
C LEU A 537 11.74 21.52 8.10
N SER A 538 11.67 22.73 7.56
CA SER A 538 11.65 23.94 8.36
C SER A 538 10.30 24.13 9.02
N LYS A 539 9.26 23.59 8.38
CA LYS A 539 7.97 23.61 9.05
C LYS A 539 7.67 22.15 9.39
N ARG A 540 7.28 21.90 10.62
CA ARG A 540 6.96 20.53 11.04
C ARG A 540 5.56 20.40 11.63
N LYS A 541 4.76 21.44 11.46
CA LYS A 541 3.36 21.49 11.82
C LYS A 541 2.53 21.85 10.59
N SER A 542 1.46 21.13 10.37
CA SER A 542 0.63 21.38 9.19
C SER A 542 0.15 22.82 9.13
N HIS A 543 -0.19 23.41 10.29
CA HIS A 543 -0.79 24.75 10.27
C HIS A 543 0.29 25.82 10.06
N GLU A 544 1.55 25.42 9.89
CA GLU A 544 2.65 26.30 9.56
C GLU A 544 3.08 26.26 8.09
N ASN A 545 2.43 25.42 7.32
CA ASN A 545 2.57 25.42 5.86
C ASN A 545 2.14 26.76 5.24
N THR A 546 3.12 27.46 4.67
CA THR A 546 2.82 28.82 4.25
C THR A 546 1.86 28.89 3.08
N ALA A 547 1.98 28.04 2.08
CA ALA A 547 1.05 28.02 0.95
C ALA A 547 -0.34 27.63 1.45
N LEU A 548 -0.37 26.73 2.46
CA LEU A 548 -1.67 26.36 3.03
C LEU A 548 -2.30 27.53 3.78
N VAL A 549 -1.45 28.20 4.58
CA VAL A 549 -2.01 29.31 5.33
C VAL A 549 -2.58 30.36 4.41
N LYS A 550 -1.91 30.60 3.28
CA LYS A 550 -2.37 31.56 2.28
C LYS A 550 -3.71 31.13 1.68
N MET A 551 -3.78 29.81 1.36
CA MET A 551 -5.04 29.25 0.85
C MET A 551 -6.21 29.43 1.81
N TYR A 552 -6.06 29.13 3.11
CA TYR A 552 -7.16 29.35 4.03
C TYR A 552 -7.54 30.82 4.22
N GLN A 553 -6.51 31.65 4.36
CA GLN A 553 -6.70 33.10 4.57
C GLN A 553 -7.34 33.74 3.33
N ASN A 554 -7.01 33.36 2.10
CA ASN A 554 -7.60 34.00 0.92
C ASN A 554 -8.85 33.32 0.39
N TYR A 555 -9.01 32.03 0.72
CA TYR A 555 -10.11 31.33 0.08
C TYR A 555 -11.02 30.61 1.05
N PHE A 556 -10.49 29.74 1.89
CA PHE A 556 -11.40 28.90 2.69
C PHE A 556 -11.86 29.46 4.02
N GLY A 557 -11.10 30.40 4.56
CA GLY A 557 -11.45 30.90 5.87
C GLY A 557 -10.92 30.07 7.01
N LYS A 558 -11.74 29.85 8.04
CA LYS A 558 -11.14 29.08 9.14
C LYS A 558 -11.56 27.64 9.06
N PRO A 559 -10.61 26.76 9.38
CA PRO A 559 -10.97 25.33 9.32
C PRO A 559 -12.18 25.00 10.20
N GLY A 560 -12.86 23.97 9.72
CA GLY A 560 -14.02 23.37 10.37
C GLY A 560 -15.21 24.30 10.35
N GLU A 561 -15.12 25.43 9.65
CA GLU A 561 -16.36 26.23 9.57
C GLU A 561 -16.46 26.81 8.17
N GLY A 562 -17.44 27.65 7.88
CA GLY A 562 -17.53 28.35 6.60
C GLY A 562 -17.35 27.50 5.36
N ARG A 563 -16.55 27.92 4.37
CA ARG A 563 -16.42 27.18 3.15
C ARG A 563 -15.78 25.82 3.39
N ALA A 564 -14.89 25.85 4.40
CA ALA A 564 -14.15 24.60 4.62
C ALA A 564 -15.09 23.47 5.05
N HIS A 565 -15.94 23.77 6.05
CA HIS A 565 -16.79 22.66 6.52
C HIS A 565 -17.72 22.27 5.41
N GLU A 566 -18.08 23.23 4.55
CA GLU A 566 -19.11 22.90 3.57
C GLU A 566 -18.51 22.10 2.44
N ILE A 567 -17.23 22.23 2.11
CA ILE A 567 -16.88 21.40 0.95
C ILE A 567 -15.72 20.48 1.18
N LEU A 568 -14.99 20.64 2.24
CA LEU A 568 -13.80 19.85 2.53
C LEU A 568 -14.10 18.67 3.46
N HIS A 569 -15.38 18.40 3.71
CA HIS A 569 -15.73 17.27 4.58
C HIS A 569 -16.59 16.25 3.84
N PHE A 570 -16.69 15.07 4.46
CA PHE A 570 -17.46 13.98 3.93
C PHE A 570 -17.80 13.02 5.06
N LYS A 571 -19.10 12.76 5.16
CA LYS A 571 -19.53 11.81 6.17
C LYS A 571 -20.17 10.56 5.57
N TYR A 572 -19.98 9.41 6.24
CA TYR A 572 -20.50 8.14 5.71
C TYR A 572 -21.78 7.70 6.42
N LYS A 573 -22.82 7.47 5.65
CA LYS A 573 -24.14 7.06 6.14
C LYS A 573 -24.20 5.56 6.21
N LYS A 574 -23.35 4.97 5.40
CA LYS A 574 -23.27 3.53 5.37
C LYS A 574 -22.04 3.10 4.56
#